data_6FYP
#
_entry.id   6FYP
#
_cell.length_a   91.197
_cell.length_b   61.998
_cell.length_c   73.328
_cell.angle_alpha   90.000
_cell.angle_beta   97.100
_cell.angle_gamma   90.000
#
_symmetry.space_group_name_H-M   'C 1 2 1'
#
loop_
_entity.id
_entity.type
_entity.pdbx_description
1 polymer 'Dual specificity protein kinase CLK3'
2 non-polymer '5-[(3-chlorophenyl)amino]benzo[c][2,6]naphthyridine-8-carboxylic acid'
3 water water
#
_entity_poly.entity_id   1
_entity_poly.type   'polypeptide(L)'
_entity_poly.pdbx_seq_one_letter_code
;GPQSSKRSSRSVEDDKEGHLVCRIGDWLQERYEIVGNLGEGTFGKVVECLDHARGKSQVALKIIRNVGKYREAARLEINV
LKKIKEKDKENKFLCVLMSDWFNFHGHMCIAFELLGKNTFEFLKENNFQPYPLPHVRHMAYQLCHALRFLHENQLTHTDL
KPENILFVNSEFETLYNEHKSCEEKSVKNTSIRVADFGSATFDHEHHTTIVATRHYRPPEVILELGWAQPCDVWSIGCIL
FEYYRGFTLFQTHENREHLVMMEKILGPIPSHMIHRTRKQKYFYKGGLVWDENSSDGRYVKENCKPLKSYMLQDSLEHVQ
LFDLMRRMLEFDPAQRITLAEALLHPFFAGLTPEERSFHT
;
_entity_poly.pdbx_strand_id   A
#
loop_
_chem_comp.id
_chem_comp.type
_chem_comp.name
_chem_comp.formula
3NG non-polymer '5-[(3-chlorophenyl)amino]benzo[c][2,6]naphthyridine-8-carboxylic acid' 'C19 H12 Cl N3 O2'
#
# COMPACT_ATOMS: atom_id res chain seq x y z
N SER A 11 32.99 17.18 6.35
CA SER A 11 32.49 16.59 7.63
C SER A 11 31.17 15.84 7.43
N VAL A 12 30.19 16.49 6.82
CA VAL A 12 28.91 15.87 6.44
C VAL A 12 28.73 15.94 4.91
N GLU A 13 28.82 14.79 4.26
CA GLU A 13 28.93 14.71 2.79
C GLU A 13 27.67 14.21 2.08
N ASP A 14 27.45 14.67 0.85
CA ASP A 14 26.31 14.25 0.01
C ASP A 14 26.77 13.63 -1.33
N ASP A 15 25.91 13.71 -2.34
CA ASP A 15 26.24 13.26 -3.71
C ASP A 15 25.43 13.95 -4.83
N LYS A 16 24.95 13.18 -5.81
CA LYS A 16 24.33 13.74 -7.02
C LYS A 16 22.89 14.18 -6.77
N GLU A 17 22.02 13.22 -6.44
CA GLU A 17 20.60 13.50 -6.23
C GLU A 17 20.31 13.95 -4.79
N GLY A 18 21.33 13.93 -3.93
CA GLY A 18 21.22 14.48 -2.58
C GLY A 18 21.68 13.57 -1.45
N HIS A 19 21.50 12.26 -1.63
CA HIS A 19 21.71 11.25 -0.58
C HIS A 19 22.82 11.56 0.40
N LEU A 20 22.53 11.41 1.69
CA LEU A 20 23.54 11.56 2.73
C LEU A 20 24.52 10.39 2.65
N VAL A 21 25.81 10.70 2.70
CA VAL A 21 26.84 9.68 2.70
C VAL A 21 26.96 9.11 4.10
N CYS A 22 26.28 7.99 4.30
CA CYS A 22 26.25 7.33 5.59
C CYS A 22 26.20 5.83 5.42
N ARG A 23 26.68 5.15 6.45
CA ARG A 23 26.71 3.70 6.48
C ARG A 23 26.77 3.28 7.92
N ILE A 24 26.50 1.99 8.15
CA ILE A 24 26.65 1.39 9.46
C ILE A 24 27.92 1.97 10.10
N GLY A 25 27.77 2.50 11.32
CA GLY A 25 28.87 3.15 12.03
C GLY A 25 28.63 4.63 12.25
N ASP A 26 28.03 5.29 11.27
CA ASP A 26 27.78 6.73 11.30
C ASP A 26 26.64 7.18 12.23
N TRP A 27 26.78 8.38 12.78
CA TRP A 27 25.83 8.94 13.72
C TRP A 27 25.13 10.17 13.17
N LEU A 28 23.89 10.41 13.60
CA LEU A 28 23.17 11.65 13.31
C LEU A 28 22.76 12.32 14.63
N GLN A 29 23.05 13.61 14.74
CA GLN A 29 22.77 14.41 15.93
C GLN A 29 23.51 13.96 17.19
N GLU A 30 24.57 13.15 16.99
CA GLU A 30 25.33 12.55 18.12
C GLU A 30 24.45 11.62 18.97
N ARG A 31 23.39 11.07 18.36
CA ARG A 31 22.33 10.39 19.11
C ARG A 31 21.93 9.08 18.44
N TYR A 32 21.71 9.16 17.14
CA TYR A 32 21.26 8.04 16.32
C TYR A 32 22.41 7.26 15.67
N GLU A 33 22.74 6.09 16.22
CA GLU A 33 23.83 5.29 15.70
C GLU A 33 23.32 4.25 14.71
N ILE A 34 23.69 4.41 13.43
CA ILE A 34 23.25 3.53 12.34
C ILE A 34 23.83 2.12 12.52
N VAL A 35 22.96 1.11 12.49
CA VAL A 35 23.38 -0.29 12.69
C VAL A 35 23.07 -1.19 11.50
N GLY A 36 22.34 -0.68 10.52
CA GLY A 36 22.01 -1.48 9.34
C GLY A 36 21.18 -0.73 8.34
N ASN A 37 20.93 -1.38 7.21
N ASN A 37 20.93 -1.37 7.20
CA ASN A 37 20.12 -0.83 6.15
CA ASN A 37 20.13 -0.77 6.14
C ASN A 37 18.77 -1.51 6.12
C ASN A 37 18.81 -1.51 5.96
N LEU A 38 17.73 -0.77 5.77
CA LEU A 38 16.40 -1.34 5.71
C LEU A 38 15.82 -1.22 4.31
N GLY A 39 16.28 -0.24 3.56
CA GLY A 39 15.89 -0.06 2.17
C GLY A 39 16.25 1.30 1.64
N GLU A 40 16.02 1.50 0.35
CA GLU A 40 16.18 2.79 -0.31
C GLU A 40 15.07 2.96 -1.32
N GLY A 41 14.93 4.17 -1.84
CA GLY A 41 13.85 4.46 -2.78
C GLY A 41 14.05 5.75 -3.54
N THR A 42 12.99 6.14 -4.25
CA THR A 42 12.99 7.37 -5.04
C THR A 42 13.32 8.59 -4.16
N PHE A 43 12.72 8.64 -2.97
CA PHE A 43 12.88 9.73 -1.99
C PHE A 43 14.25 9.79 -1.29
N GLY A 44 14.89 8.65 -1.08
CA GLY A 44 16.09 8.57 -0.23
C GLY A 44 16.24 7.21 0.44
N LYS A 45 16.63 7.21 1.71
CA LYS A 45 17.04 5.98 2.40
C LYS A 45 16.26 5.71 3.72
N VAL A 46 16.20 4.44 4.15
CA VAL A 46 15.69 4.08 5.50
C VAL A 46 16.72 3.19 6.23
N VAL A 47 17.19 3.66 7.38
CA VAL A 47 18.19 2.94 8.17
C VAL A 47 17.70 2.46 9.54
N GLU A 48 18.28 1.37 10.03
CA GLU A 48 18.07 0.94 11.40
C GLU A 48 19.10 1.61 12.28
N CYS A 49 18.67 2.20 13.39
CA CYS A 49 19.56 2.90 14.33
C CYS A 49 19.33 2.50 15.77
N LEU A 50 20.33 2.77 16.61
CA LEU A 50 20.14 2.76 18.05
C LEU A 50 20.00 4.20 18.52
N ASP A 51 19.02 4.47 19.38
CA ASP A 51 18.80 5.81 19.92
C ASP A 51 19.44 5.92 21.31
N HIS A 52 20.61 6.54 21.34
CA HIS A 52 21.40 6.66 22.57
C HIS A 52 20.85 7.64 23.60
N ALA A 53 19.87 8.47 23.22
CA ALA A 53 19.20 9.31 24.20
C ALA A 53 17.96 8.64 24.81
N ARG A 54 17.64 7.43 24.32
CA ARG A 54 16.51 6.63 24.85
C ARG A 54 16.90 5.18 25.11
N GLY A 55 18.03 4.98 25.79
CA GLY A 55 18.44 3.65 26.24
C GLY A 55 18.86 2.70 25.14
N LYS A 56 19.33 3.25 24.02
CA LYS A 56 19.69 2.47 22.84
C LYS A 56 18.49 1.77 22.18
N SER A 57 17.34 2.43 22.28
CA SER A 57 16.14 2.07 21.54
C SER A 57 16.41 1.80 20.05
N GLN A 58 15.85 0.70 19.53
CA GLN A 58 15.96 0.36 18.10
C GLN A 58 14.91 1.12 17.31
N VAL A 59 15.35 1.89 16.32
CA VAL A 59 14.44 2.72 15.52
C VAL A 59 14.71 2.55 14.04
N ALA A 60 13.72 2.87 13.22
CA ALA A 60 13.94 2.99 11.78
C ALA A 60 13.95 4.47 11.43
N LEU A 61 15.09 4.95 10.95
CA LEU A 61 15.26 6.36 10.61
C LEU A 61 15.17 6.57 9.10
N LYS A 62 14.15 7.33 8.70
CA LYS A 62 13.94 7.71 7.31
C LYS A 62 14.67 9.04 7.03
N ILE A 63 15.44 9.06 5.95
CA ILE A 63 16.29 10.21 5.59
C ILE A 63 15.94 10.66 4.18
N ILE A 64 15.19 11.75 4.09
CA ILE A 64 14.82 12.30 2.78
C ILE A 64 16.07 13.02 2.21
N ARG A 65 16.20 13.03 0.88
CA ARG A 65 17.38 13.62 0.23
C ARG A 65 17.43 15.14 0.36
N ASN A 66 18.65 15.67 0.38
CA ASN A 66 18.92 17.10 0.41
C ASN A 66 18.57 17.76 -0.92
N VAL A 67 17.27 17.83 -1.20
CA VAL A 67 16.76 18.43 -2.43
C VAL A 67 15.49 19.19 -2.09
N GLY A 68 15.47 20.47 -2.47
CA GLY A 68 14.35 21.38 -2.25
C GLY A 68 13.00 20.73 -2.06
N LYS A 69 12.43 20.20 -3.15
CA LYS A 69 11.06 19.68 -3.17
C LYS A 69 10.84 18.39 -2.34
N TYR A 70 11.93 17.69 -2.04
CA TYR A 70 11.85 16.49 -1.21
C TYR A 70 11.81 16.87 0.27
N ARG A 71 12.86 17.54 0.74
CA ARG A 71 12.88 18.16 2.07
C ARG A 71 11.57 18.90 2.32
N GLU A 72 11.06 19.55 1.28
CA GLU A 72 9.80 20.26 1.35
C GLU A 72 8.64 19.33 1.64
N ALA A 73 8.40 18.37 0.74
CA ALA A 73 7.27 17.43 0.85
C ALA A 73 7.28 16.63 2.16
N ALA A 74 8.49 16.37 2.67
CA ALA A 74 8.68 15.72 3.97
C ALA A 74 8.07 16.52 5.11
N ARG A 75 8.15 17.84 5.00
CA ARG A 75 7.58 18.73 6.03
C ARG A 75 6.10 18.46 6.24
N LEU A 76 5.37 18.26 5.13
CA LEU A 76 3.95 17.93 5.18
C LEU A 76 3.69 16.50 5.63
N GLU A 77 4.61 15.60 5.30
CA GLU A 77 4.54 14.21 5.76
C GLU A 77 4.57 14.17 7.30
N ILE A 78 5.51 14.90 7.88
CA ILE A 78 5.61 15.04 9.32
C ILE A 78 4.30 15.57 9.94
N ASN A 79 3.76 16.64 9.36
CA ASN A 79 2.51 17.21 9.87
C ASN A 79 1.38 16.18 9.88
N VAL A 80 1.29 15.38 8.81
CA VAL A 80 0.34 14.25 8.75
C VAL A 80 0.58 13.25 9.89
N LEU A 81 1.85 12.91 10.11
CA LEU A 81 2.25 12.01 11.20
C LEU A 81 1.99 12.62 12.59
N LYS A 82 2.36 13.88 12.77
CA LYS A 82 2.00 14.63 14.00
C LYS A 82 0.52 14.45 14.29
N LYS A 83 -0.32 14.66 13.28
CA LYS A 83 -1.77 14.59 13.49
C LYS A 83 -2.30 13.17 13.72
N ILE A 84 -1.71 12.17 13.06
CA ILE A 84 -2.02 10.77 13.36
C ILE A 84 -1.66 10.45 14.81
N LYS A 85 -0.41 10.77 15.19
CA LYS A 85 0.06 10.63 16.58
C LYS A 85 -0.92 11.33 17.53
N GLU A 86 -1.16 12.62 17.26
CA GLU A 86 -2.05 13.48 18.06
C GLU A 86 -3.50 12.97 18.19
N LYS A 87 -3.96 12.18 17.22
CA LYS A 87 -5.34 11.71 17.18
C LYS A 87 -5.51 10.24 17.57
N ASP A 88 -4.38 9.59 17.89
CA ASP A 88 -4.37 8.23 18.38
C ASP A 88 -3.23 8.07 19.37
N LYS A 89 -3.46 8.50 20.61
CA LYS A 89 -2.41 8.47 21.63
C LYS A 89 -2.17 7.07 22.19
N GLU A 90 -3.19 6.21 22.09
CA GLU A 90 -3.10 4.82 22.55
C GLU A 90 -2.37 3.92 21.54
N ASN A 91 -2.03 4.47 20.37
CA ASN A 91 -1.40 3.73 19.28
C ASN A 91 -2.09 2.41 18.99
N LYS A 92 -3.40 2.49 18.70
CA LYS A 92 -4.21 1.29 18.50
C LYS A 92 -4.77 1.18 17.09
N PHE A 93 -4.47 2.17 16.25
CA PHE A 93 -5.06 2.22 14.92
C PHE A 93 -4.10 1.83 13.80
N LEU A 94 -2.93 1.33 14.20
CA LEU A 94 -2.05 0.56 13.34
C LEU A 94 -1.37 1.36 12.22
N CYS A 95 -1.12 2.64 12.49
CA CYS A 95 -0.29 3.46 11.61
C CYS A 95 1.12 3.53 12.16
N VAL A 96 2.10 3.57 11.26
CA VAL A 96 3.49 3.62 11.69
C VAL A 96 3.70 4.79 12.68
N LEU A 97 4.33 4.51 13.79
CA LEU A 97 4.49 5.48 14.87
C LEU A 97 5.77 6.30 14.69
N MET A 98 5.61 7.60 14.48
CA MET A 98 6.75 8.53 14.47
C MET A 98 7.09 8.94 15.90
N SER A 99 8.33 8.72 16.29
CA SER A 99 8.77 9.10 17.64
C SER A 99 9.42 10.47 17.61
N ASP A 100 10.05 10.80 16.48
CA ASP A 100 10.84 12.01 16.35
C ASP A 100 10.99 12.41 14.88
N TRP A 101 11.14 13.70 14.63
CA TRP A 101 11.50 14.22 13.31
C TRP A 101 12.58 15.28 13.46
N PHE A 102 13.40 15.49 12.44
CA PHE A 102 14.44 16.53 12.49
C PHE A 102 15.11 16.89 11.16
N ASN A 103 15.68 18.09 11.10
CA ASN A 103 16.41 18.58 9.94
C ASN A 103 17.91 18.43 10.15
N PHE A 104 18.53 17.59 9.33
CA PHE A 104 19.97 17.35 9.42
C PHE A 104 20.61 17.90 8.14
N HIS A 105 21.29 19.04 8.27
CA HIS A 105 22.01 19.72 7.18
C HIS A 105 21.33 19.63 5.81
N GLY A 106 20.00 19.76 5.77
CA GLY A 106 19.25 19.64 4.53
C GLY A 106 18.35 18.41 4.36
N HIS A 107 18.63 17.33 5.08
CA HIS A 107 17.77 16.14 4.99
C HIS A 107 16.79 16.12 6.13
N MET A 108 15.50 16.06 5.81
CA MET A 108 14.48 15.82 6.80
C MET A 108 14.52 14.35 7.20
N CYS A 109 14.83 14.07 8.48
CA CYS A 109 14.83 12.71 9.02
C CYS A 109 13.66 12.46 9.96
N ILE A 110 12.95 11.34 9.76
CA ILE A 110 11.81 10.95 10.57
C ILE A 110 12.08 9.61 11.23
N ALA A 111 12.06 9.59 12.56
CA ALA A 111 12.34 8.40 13.34
C ALA A 111 11.04 7.63 13.60
N PHE A 112 11.08 6.33 13.28
CA PHE A 112 9.93 5.48 13.42
C PHE A 112 10.26 4.27 14.29
N GLU A 113 9.22 3.63 14.81
CA GLU A 113 9.39 2.36 15.46
C GLU A 113 9.97 1.37 14.44
N LEU A 114 10.80 0.45 14.91
CA LEU A 114 11.38 -0.56 14.04
C LEU A 114 10.45 -1.76 13.93
N LEU A 115 10.16 -2.16 12.69
CA LEU A 115 9.25 -3.27 12.39
C LEU A 115 10.01 -4.25 11.51
N GLY A 116 9.36 -5.31 11.06
CA GLY A 116 10.01 -6.30 10.21
C GLY A 116 9.93 -5.97 8.73
N LYS A 117 9.88 -7.01 7.90
CA LYS A 117 9.80 -6.87 6.46
C LYS A 117 8.46 -6.31 6.06
N ASN A 118 8.40 -5.60 4.94
CA ASN A 118 7.11 -5.18 4.37
C ASN A 118 6.45 -6.36 3.64
N THR A 119 5.16 -6.26 3.35
CA THR A 119 4.41 -7.43 2.85
C THR A 119 4.84 -7.86 1.46
N PHE A 120 5.31 -6.91 0.64
CA PHE A 120 5.87 -7.25 -0.65
C PHE A 120 7.16 -8.04 -0.48
N GLU A 121 8.03 -7.60 0.42
CA GLU A 121 9.34 -8.24 0.52
C GLU A 121 9.23 -9.67 1.06
N PHE A 122 8.32 -9.89 2.00
CA PHE A 122 8.05 -11.22 2.50
C PHE A 122 7.58 -12.18 1.38
N LEU A 123 6.66 -11.69 0.55
CA LEU A 123 6.12 -12.41 -0.60
C LEU A 123 7.21 -12.77 -1.59
N LYS A 124 8.03 -11.78 -1.95
CA LYS A 124 9.17 -11.98 -2.85
C LYS A 124 10.11 -13.09 -2.36
N GLU A 125 10.40 -13.06 -1.06
CA GLU A 125 11.26 -14.07 -0.45
C GLU A 125 10.58 -15.41 -0.24
N ASN A 126 9.25 -15.45 -0.41
CA ASN A 126 8.49 -16.69 -0.35
C ASN A 126 8.19 -17.20 -1.78
N ASN A 127 8.99 -16.72 -2.72
CA ASN A 127 8.89 -17.05 -4.14
C ASN A 127 7.55 -16.65 -4.79
N PHE A 128 6.95 -15.60 -4.22
CA PHE A 128 5.67 -15.06 -4.66
C PHE A 128 4.50 -16.00 -4.46
N GLN A 129 4.70 -16.96 -3.55
CA GLN A 129 3.63 -17.86 -3.14
C GLN A 129 2.73 -17.14 -2.16
N PRO A 130 1.41 -17.15 -2.44
CA PRO A 130 0.38 -16.40 -1.71
C PRO A 130 0.36 -16.66 -0.21
N TYR A 131 -0.11 -15.67 0.55
CA TYR A 131 -0.40 -15.84 1.98
C TYR A 131 -1.67 -16.67 2.07
N PRO A 132 -1.74 -17.59 3.08
CA PRO A 132 -2.97 -18.35 3.32
C PRO A 132 -4.13 -17.38 3.54
N LEU A 133 -5.34 -17.81 3.19
CA LEU A 133 -6.54 -16.96 3.32
C LEU A 133 -6.76 -16.45 4.73
N PRO A 134 -6.58 -17.31 5.76
CA PRO A 134 -6.65 -16.73 7.10
C PRO A 134 -5.75 -15.50 7.31
N HIS A 135 -4.53 -15.55 6.78
CA HIS A 135 -3.61 -14.39 6.84
C HIS A 135 -4.12 -13.23 6.01
N VAL A 136 -4.56 -13.51 4.80
CA VAL A 136 -5.25 -12.50 3.99
C VAL A 136 -6.44 -11.89 4.74
N ARG A 137 -7.19 -12.71 5.48
CA ARG A 137 -8.36 -12.23 6.24
C ARG A 137 -7.96 -11.28 7.35
N HIS A 138 -6.99 -11.69 8.17
CA HIS A 138 -6.53 -10.86 9.27
C HIS A 138 -5.88 -9.56 8.78
N MET A 139 -5.07 -9.64 7.72
CA MET A 139 -4.43 -8.44 7.16
C MET A 139 -5.44 -7.47 6.59
N ALA A 140 -6.43 -8.00 5.87
CA ALA A 140 -7.53 -7.22 5.31
C ALA A 140 -8.20 -6.40 6.41
N TYR A 141 -8.48 -7.09 7.52
CA TYR A 141 -9.16 -6.52 8.67
C TYR A 141 -8.37 -5.37 9.30
N GLN A 142 -7.05 -5.53 9.40
CA GLN A 142 -6.24 -4.44 9.94
C GLN A 142 -6.20 -3.22 9.02
N LEU A 143 -6.05 -3.48 7.72
CA LEU A 143 -6.05 -2.42 6.72
C LEU A 143 -7.34 -1.61 6.79
N CYS A 144 -8.48 -2.30 6.84
CA CYS A 144 -9.77 -1.60 6.91
C CYS A 144 -9.89 -0.72 8.16
N HIS A 145 -9.47 -1.28 9.29
CA HIS A 145 -9.48 -0.58 10.57
C HIS A 145 -8.60 0.67 10.52
N ALA A 146 -7.33 0.49 10.11
CA ALA A 146 -6.37 1.60 10.01
C ALA A 146 -6.85 2.77 9.15
N LEU A 147 -7.38 2.44 7.98
CA LEU A 147 -7.70 3.42 6.95
C LEU A 147 -9.04 4.05 7.23
N ARG A 148 -9.96 3.26 7.76
CA ARG A 148 -11.23 3.79 8.27
C ARG A 148 -10.94 4.91 9.26
N PHE A 149 -10.02 4.64 10.18
CA PHE A 149 -9.52 5.64 11.12
C PHE A 149 -8.92 6.87 10.41
N LEU A 150 -8.17 6.66 9.34
CA LEU A 150 -7.58 7.78 8.61
C LEU A 150 -8.63 8.62 7.90
N HIS A 151 -9.59 7.91 7.30
CA HIS A 151 -10.69 8.51 6.56
C HIS A 151 -11.55 9.33 7.53
N GLU A 152 -11.96 8.70 8.64
CA GLU A 152 -12.63 9.35 9.74
C GLU A 152 -12.03 10.72 10.06
N ASN A 153 -10.74 10.87 9.76
CA ASN A 153 -10.00 12.08 10.12
C ASN A 153 -9.59 12.95 8.96
N GLN A 154 -10.45 13.01 7.94
CA GLN A 154 -10.28 13.95 6.80
C GLN A 154 -8.97 13.74 6.05
N LEU A 155 -8.57 12.48 5.93
CA LEU A 155 -7.26 12.16 5.39
C LEU A 155 -7.38 10.99 4.41
N THR A 156 -6.61 11.08 3.33
CA THR A 156 -6.51 10.00 2.33
C THR A 156 -5.06 9.70 2.11
N HIS A 157 -4.71 8.40 2.20
CA HIS A 157 -3.33 7.93 2.05
C HIS A 157 -2.82 8.13 0.62
N THR A 158 -3.58 7.59 -0.35
CA THR A 158 -3.31 7.68 -1.81
C THR A 158 -2.20 6.79 -2.35
N ASP A 159 -1.35 6.27 -1.49
CA ASP A 159 -0.23 5.44 -1.97
C ASP A 159 -0.14 4.06 -1.30
N LEU A 160 -1.29 3.45 -1.02
CA LEU A 160 -1.31 2.13 -0.41
C LEU A 160 -0.88 1.09 -1.43
N LYS A 161 0.02 0.20 -0.98
CA LYS A 161 0.53 -0.90 -1.79
C LYS A 161 1.28 -1.85 -0.86
N PRO A 162 1.50 -3.10 -1.26
CA PRO A 162 2.17 -4.03 -0.32
C PRO A 162 3.48 -3.51 0.29
N GLU A 163 4.32 -2.86 -0.52
CA GLU A 163 5.56 -2.22 -0.04
C GLU A 163 5.40 -1.29 1.17
N ASN A 164 4.23 -0.65 1.25
CA ASN A 164 3.90 0.31 2.32
C ASN A 164 3.20 -0.32 3.53
N ILE A 165 2.92 -1.62 3.45
CA ILE A 165 2.37 -2.37 4.59
C ILE A 165 3.51 -3.18 5.23
N LEU A 166 3.77 -2.93 6.52
CA LEU A 166 4.85 -3.58 7.24
C LEU A 166 4.35 -4.56 8.28
N PHE A 167 4.98 -5.74 8.32
CA PHE A 167 4.83 -6.64 9.46
C PHE A 167 5.52 -6.09 10.72
N VAL A 168 4.81 -6.08 11.84
CA VAL A 168 5.45 -5.81 13.16
C VAL A 168 6.67 -6.72 13.34
N ASN A 169 6.45 -8.04 13.15
CA ASN A 169 7.51 -9.05 13.21
C ASN A 169 7.28 -10.04 12.07
N SER A 170 8.31 -10.25 11.25
CA SER A 170 8.17 -11.11 10.08
C SER A 170 8.86 -12.46 10.20
N GLU A 171 9.14 -12.89 11.43
CA GLU A 171 9.70 -14.22 11.69
C GLU A 171 8.70 -15.23 11.18
N PHE A 172 9.19 -16.16 10.37
CA PHE A 172 8.34 -17.12 9.71
C PHE A 172 8.65 -18.57 10.11
N GLU A 173 7.64 -19.41 9.94
CA GLU A 173 7.77 -20.85 10.02
C GLU A 173 7.96 -21.38 8.60
N THR A 174 8.68 -22.49 8.45
CA THR A 174 8.77 -23.18 7.16
C THR A 174 7.93 -24.46 7.17
N LEU A 175 6.94 -24.49 6.28
CA LEU A 175 6.09 -25.66 6.10
C LEU A 175 6.39 -26.26 4.74
N TYR A 176 6.37 -27.58 4.66
CA TYR A 176 6.42 -28.25 3.38
C TYR A 176 5.00 -28.24 2.83
N ASN A 177 4.83 -27.84 1.57
CA ASN A 177 3.53 -27.94 0.94
C ASN A 177 3.43 -29.27 0.18
N GLU A 178 2.57 -30.15 0.68
CA GLU A 178 2.39 -31.49 0.09
C GLU A 178 1.99 -31.42 -1.37
N HIS A 179 1.02 -30.56 -1.67
CA HIS A 179 0.46 -30.48 -3.01
C HIS A 179 1.35 -29.77 -4.03
N LYS A 180 2.28 -28.94 -3.55
CA LYS A 180 3.17 -28.18 -4.42
C LYS A 180 4.59 -28.77 -4.46
N SER A 181 4.85 -29.73 -3.57
CA SER A 181 6.17 -30.35 -3.44
C SER A 181 7.29 -29.33 -3.26
N CYS A 182 7.04 -28.32 -2.41
CA CYS A 182 8.08 -27.37 -2.06
C CYS A 182 7.79 -26.70 -0.73
N GLU A 183 8.81 -26.03 -0.19
CA GLU A 183 8.73 -25.30 1.07
C GLU A 183 8.03 -23.94 0.93
N GLU A 184 7.30 -23.55 1.97
CA GLU A 184 6.62 -22.28 2.01
C GLU A 184 6.88 -21.59 3.33
N LYS A 185 7.07 -20.28 3.27
CA LYS A 185 7.24 -19.48 4.46
C LYS A 185 5.89 -18.97 4.95
N SER A 186 5.62 -19.22 6.23
CA SER A 186 4.38 -18.82 6.85
C SER A 186 4.72 -17.92 8.01
N VAL A 187 4.33 -16.65 7.90
CA VAL A 187 4.62 -15.66 8.93
C VAL A 187 3.90 -16.03 10.23
N LYS A 188 4.61 -15.86 11.35
CA LYS A 188 4.10 -16.25 12.69
C LYS A 188 3.14 -15.24 13.30
N ASN A 189 3.27 -13.98 12.92
CA ASN A 189 2.42 -12.93 13.43
C ASN A 189 1.96 -12.08 12.24
N THR A 190 0.67 -12.08 11.96
CA THR A 190 0.13 -11.33 10.81
C THR A 190 -0.25 -9.89 11.15
N SER A 191 0.22 -9.41 12.31
CA SER A 191 0.02 -8.01 12.71
C SER A 191 0.84 -7.08 11.83
N ILE A 192 0.19 -6.02 11.36
CA ILE A 192 0.75 -5.11 10.37
C ILE A 192 0.63 -3.63 10.78
N ARG A 193 1.44 -2.80 10.13
CA ARG A 193 1.34 -1.34 10.24
C ARG A 193 1.29 -0.73 8.85
N VAL A 194 0.48 0.32 8.69
CA VAL A 194 0.39 1.09 7.46
C VAL A 194 1.46 2.20 7.47
N ALA A 195 2.32 2.20 6.46
CA ALA A 195 3.44 3.13 6.38
C ALA A 195 3.38 4.08 5.17
N ASP A 196 4.37 4.97 5.11
CA ASP A 196 4.59 5.94 4.01
C ASP A 196 3.46 6.93 3.78
N PHE A 197 3.45 7.96 4.64
CA PHE A 197 2.42 8.98 4.62
C PHE A 197 2.84 10.24 3.84
N GLY A 198 3.90 10.11 3.04
CA GLY A 198 4.44 11.22 2.25
C GLY A 198 3.63 11.57 0.99
N SER A 199 2.41 11.07 0.92
CA SER A 199 1.46 11.38 -0.16
C SER A 199 0.07 11.56 0.42
N ALA A 200 -0.07 11.32 1.71
CA ALA A 200 -1.34 11.44 2.38
C ALA A 200 -1.86 12.90 2.30
N THR A 201 -3.17 13.04 2.16
CA THR A 201 -3.77 14.32 1.77
C THR A 201 -4.98 14.63 2.61
N PHE A 202 -5.06 15.85 3.14
CA PHE A 202 -6.26 16.30 3.87
C PHE A 202 -7.32 16.72 2.87
N ASP A 203 -8.58 16.50 3.23
CA ASP A 203 -9.74 17.00 2.49
C ASP A 203 -9.61 18.44 1.97
N HIS A 204 -9.13 19.34 2.82
CA HIS A 204 -9.12 20.78 2.52
C HIS A 204 -7.84 21.21 1.83
N GLU A 205 -6.91 20.26 1.67
CA GLU A 205 -5.68 20.49 0.94
C GLU A 205 -5.91 20.25 -0.56
N HIS A 206 -5.00 20.77 -1.38
CA HIS A 206 -5.00 20.58 -2.82
C HIS A 206 -4.86 19.09 -3.17
N HIS A 207 -5.68 18.64 -4.12
CA HIS A 207 -5.63 17.27 -4.61
C HIS A 207 -4.96 17.29 -5.97
N THR A 208 -3.75 16.74 -6.04
CA THR A 208 -3.08 16.55 -7.32
C THR A 208 -4.02 15.71 -8.20
N THR A 209 -4.01 15.98 -9.51
CA THR A 209 -4.84 15.26 -10.47
C THR A 209 -4.55 13.75 -10.50
N ILE A 210 -3.27 13.38 -10.53
CA ILE A 210 -2.83 11.98 -10.58
C ILE A 210 -2.18 11.59 -9.25
N VAL A 211 -2.75 10.57 -8.60
CA VAL A 211 -2.15 10.00 -7.39
C VAL A 211 -2.02 8.48 -7.53
N ALA A 212 -1.32 7.86 -6.56
CA ALA A 212 -1.17 6.40 -6.44
C ALA A 212 -0.20 5.81 -7.42
N THR A 213 0.47 4.73 -7.01
CA THR A 213 1.32 3.96 -7.91
C THR A 213 0.37 3.35 -8.91
N ARG A 214 0.79 3.25 -10.18
CA ARG A 214 -0.11 2.87 -11.26
C ARG A 214 -0.89 1.58 -11.00
N HIS A 215 -0.18 0.52 -10.62
CA HIS A 215 -0.81 -0.78 -10.33
C HIS A 215 -2.02 -0.70 -9.38
N TYR A 216 -2.04 0.33 -8.53
CA TYR A 216 -3.03 0.48 -7.45
C TYR A 216 -3.91 1.72 -7.64
N ARG A 217 -3.86 2.30 -8.84
CA ARG A 217 -4.54 3.55 -9.16
C ARG A 217 -5.95 3.29 -9.70
N PRO A 218 -6.98 3.95 -9.12
CA PRO A 218 -8.39 3.73 -9.49
C PRO A 218 -8.82 4.42 -10.81
N PRO A 219 -9.90 3.94 -11.41
CA PRO A 219 -10.44 4.48 -12.66
C PRO A 219 -10.82 5.97 -12.60
N GLU A 220 -11.41 6.43 -11.49
CA GLU A 220 -11.72 7.89 -11.35
C GLU A 220 -10.50 8.80 -11.47
N VAL A 221 -9.32 8.28 -11.14
CA VAL A 221 -8.07 9.04 -11.30
C VAL A 221 -7.58 9.00 -12.75
N ILE A 222 -7.57 7.82 -13.37
CA ILE A 222 -7.25 7.74 -14.79
C ILE A 222 -8.16 8.68 -15.59
N LEU A 223 -9.47 8.54 -15.39
CA LEU A 223 -10.44 9.35 -16.12
C LEU A 223 -10.45 10.84 -15.68
N GLU A 224 -9.77 11.14 -14.58
CA GLU A 224 -9.62 12.51 -14.09
C GLU A 224 -10.95 13.13 -13.64
N LEU A 225 -11.69 12.36 -12.85
CA LEU A 225 -13.01 12.71 -12.34
C LEU A 225 -12.92 13.19 -10.89
N GLY A 226 -11.70 13.37 -10.41
CA GLY A 226 -11.48 13.71 -9.01
C GLY A 226 -11.47 12.49 -8.11
N TRP A 227 -10.79 12.60 -6.98
CA TRP A 227 -10.67 11.48 -6.05
C TRP A 227 -10.78 11.91 -4.59
N ALA A 228 -11.33 11.01 -3.77
CA ALA A 228 -11.40 11.17 -2.32
C ALA A 228 -10.90 9.89 -1.64
N GLN A 229 -11.41 9.64 -0.42
CA GLN A 229 -11.14 8.43 0.35
C GLN A 229 -11.35 7.08 -0.40
N PRO A 230 -12.46 6.93 -1.18
CA PRO A 230 -12.66 5.68 -1.96
C PRO A 230 -11.44 5.23 -2.76
N CYS A 231 -10.53 6.15 -3.07
CA CYS A 231 -9.25 5.83 -3.71
C CYS A 231 -8.48 4.76 -2.95
N ASP A 232 -8.48 4.88 -1.62
CA ASP A 232 -7.73 3.98 -0.77
C ASP A 232 -8.39 2.63 -0.78
N VAL A 233 -9.70 2.63 -0.99
CA VAL A 233 -10.43 1.38 -0.99
C VAL A 233 -10.10 0.57 -2.24
N TRP A 234 -10.00 1.26 -3.38
CA TRP A 234 -9.63 0.58 -4.63
C TRP A 234 -8.28 -0.09 -4.44
N SER A 235 -7.30 0.68 -3.96
CA SER A 235 -5.97 0.18 -3.59
C SER A 235 -5.94 -1.09 -2.73
N ILE A 236 -6.84 -1.17 -1.76
CA ILE A 236 -6.93 -2.30 -0.85
C ILE A 236 -7.45 -3.55 -1.57
N GLY A 237 -8.49 -3.39 -2.39
CA GLY A 237 -8.91 -4.48 -3.26
C GLY A 237 -7.71 -5.06 -3.99
N CYS A 238 -6.99 -4.20 -4.71
CA CYS A 238 -5.78 -4.63 -5.45
C CYS A 238 -4.79 -5.38 -4.60
N ILE A 239 -4.59 -4.89 -3.38
CA ILE A 239 -3.65 -5.47 -2.43
C ILE A 239 -4.10 -6.85 -1.90
N LEU A 240 -5.37 -6.96 -1.56
CA LEU A 240 -5.95 -8.24 -1.12
C LEU A 240 -5.85 -9.32 -2.19
N PHE A 241 -6.08 -8.94 -3.45
CA PHE A 241 -5.91 -9.86 -4.57
C PHE A 241 -4.45 -10.32 -4.63
N GLU A 242 -3.56 -9.36 -4.44
CA GLU A 242 -2.14 -9.63 -4.52
C GLU A 242 -1.64 -10.48 -3.38
N TYR A 243 -2.25 -10.32 -2.20
CA TYR A 243 -1.93 -11.19 -1.06
C TYR A 243 -2.48 -12.58 -1.32
N TYR A 244 -3.64 -12.63 -1.96
CA TYR A 244 -4.34 -13.89 -2.23
C TYR A 244 -3.73 -14.73 -3.34
N ARG A 245 -3.22 -14.08 -4.39
CA ARG A 245 -2.66 -14.80 -5.54
C ARG A 245 -1.14 -14.77 -5.61
N GLY A 246 -0.54 -13.72 -5.03
CA GLY A 246 0.91 -13.57 -5.06
C GLY A 246 1.43 -12.76 -6.24
N PHE A 247 0.53 -12.37 -7.14
CA PHE A 247 0.91 -11.54 -8.25
C PHE A 247 -0.02 -10.33 -8.39
N THR A 248 0.50 -9.29 -9.05
CA THR A 248 -0.19 -8.02 -9.24
C THR A 248 -1.48 -8.18 -10.05
N LEU A 249 -2.56 -7.55 -9.59
CA LEU A 249 -3.82 -7.53 -10.31
C LEU A 249 -3.72 -6.78 -11.61
N PHE A 250 -3.21 -5.55 -11.58
CA PHE A 250 -3.04 -4.74 -12.79
C PHE A 250 -1.56 -4.48 -13.11
N GLN A 251 -0.93 -5.45 -13.75
CA GLN A 251 0.49 -5.37 -14.08
C GLN A 251 0.69 -4.47 -15.32
N THR A 252 0.42 -3.18 -15.13
CA THR A 252 0.26 -2.24 -16.23
C THR A 252 1.19 -1.03 -16.16
N HIS A 253 1.48 -0.44 -17.33
CA HIS A 253 2.42 0.69 -17.42
C HIS A 253 1.79 1.88 -18.14
N GLU A 254 0.51 1.74 -18.51
CA GLU A 254 -0.13 2.68 -19.41
C GLU A 254 -1.63 2.73 -19.20
N ASN A 255 -2.16 3.96 -19.29
CA ASN A 255 -3.58 4.24 -19.10
C ASN A 255 -4.55 3.37 -19.88
N ARG A 256 -4.40 3.38 -21.21
CA ARG A 256 -5.28 2.65 -22.11
C ARG A 256 -5.32 1.18 -21.69
N GLU A 257 -4.15 0.58 -21.58
CA GLU A 257 -4.02 -0.83 -21.21
C GLU A 257 -4.68 -1.10 -19.87
N HIS A 258 -4.40 -0.23 -18.90
CA HIS A 258 -4.99 -0.30 -17.57
C HIS A 258 -6.50 -0.43 -17.64
N LEU A 259 -7.15 0.48 -18.38
CA LEU A 259 -8.60 0.46 -18.54
C LEU A 259 -9.10 -0.81 -19.20
N VAL A 260 -8.39 -1.26 -20.24
CA VAL A 260 -8.77 -2.50 -20.91
C VAL A 260 -8.69 -3.66 -19.91
N MET A 261 -7.60 -3.73 -19.15
CA MET A 261 -7.49 -4.70 -18.07
C MET A 261 -8.65 -4.64 -17.06
N MET A 262 -9.04 -3.44 -16.66
CA MET A 262 -10.20 -3.25 -15.77
C MET A 262 -11.49 -3.80 -16.39
N GLU A 263 -11.70 -3.55 -17.68
CA GLU A 263 -12.85 -4.13 -18.39
C GLU A 263 -12.80 -5.66 -18.47
N LYS A 264 -11.66 -6.24 -18.86
CA LYS A 264 -11.52 -7.71 -18.97
C LYS A 264 -11.76 -8.42 -17.64
N ILE A 265 -11.36 -7.77 -16.56
CA ILE A 265 -11.40 -8.35 -15.21
C ILE A 265 -12.70 -8.04 -14.47
N LEU A 266 -13.20 -6.82 -14.60
CA LEU A 266 -14.33 -6.36 -13.77
C LEU A 266 -15.62 -6.08 -14.54
N GLY A 267 -15.57 -6.20 -15.86
CA GLY A 267 -16.73 -5.89 -16.69
C GLY A 267 -16.66 -4.45 -17.16
N PRO A 268 -17.63 -4.05 -18.02
CA PRO A 268 -17.51 -2.75 -18.68
C PRO A 268 -17.62 -1.54 -17.73
N ILE A 269 -16.89 -0.49 -18.09
CA ILE A 269 -16.95 0.80 -17.39
C ILE A 269 -18.39 1.35 -17.47
N PRO A 270 -18.99 1.74 -16.33
CA PRO A 270 -20.32 2.35 -16.36
C PRO A 270 -20.38 3.57 -17.29
N SER A 271 -21.48 3.73 -18.01
CA SER A 271 -21.54 4.79 -19.03
C SER A 271 -21.52 6.19 -18.43
N HIS A 272 -22.13 6.41 -17.28
CA HIS A 272 -22.11 7.76 -16.68
C HIS A 272 -20.69 8.28 -16.44
N MET A 273 -19.75 7.37 -16.17
CA MET A 273 -18.35 7.75 -16.03
C MET A 273 -17.70 8.07 -17.37
N ILE A 274 -18.09 7.34 -18.41
CA ILE A 274 -17.61 7.61 -19.77
C ILE A 274 -18.07 9.01 -20.21
N HIS A 275 -19.32 9.34 -19.91
CA HIS A 275 -19.88 10.68 -20.24
C HIS A 275 -19.27 11.82 -19.44
N ARG A 276 -18.95 11.58 -18.18
CA ARG A 276 -18.38 12.62 -17.31
C ARG A 276 -16.91 12.94 -17.61
N THR A 277 -16.16 11.95 -18.06
CA THR A 277 -14.73 12.17 -18.34
C THR A 277 -14.42 13.03 -19.55
N ARG A 278 -13.32 13.76 -19.43
CA ARG A 278 -12.79 14.55 -20.52
C ARG A 278 -11.62 13.82 -21.21
N LYS A 279 -11.49 12.52 -20.95
CA LYS A 279 -10.50 11.67 -21.61
C LYS A 279 -11.23 10.82 -22.65
N GLN A 280 -11.80 11.49 -23.64
CA GLN A 280 -12.62 10.80 -24.64
C GLN A 280 -11.76 10.07 -25.67
N LYS A 281 -10.45 10.33 -25.64
CA LYS A 281 -9.46 9.67 -26.52
C LYS A 281 -9.37 8.15 -26.28
N TYR A 282 -10.09 7.65 -25.28
CA TYR A 282 -10.03 6.23 -24.91
C TYR A 282 -11.27 5.50 -25.40
N PHE A 283 -12.30 6.25 -25.75
CA PHE A 283 -13.58 5.66 -26.08
C PHE A 283 -14.03 5.92 -27.52
N TYR A 284 -15.08 5.21 -27.91
CA TYR A 284 -15.60 5.23 -29.27
C TYR A 284 -16.96 4.54 -29.18
N LYS A 285 -18.03 5.31 -29.38
CA LYS A 285 -19.41 4.84 -29.16
C LYS A 285 -19.51 4.12 -27.82
N GLY A 286 -19.07 4.82 -26.75
CA GLY A 286 -19.08 4.28 -25.39
C GLY A 286 -18.27 3.00 -25.17
N GLY A 287 -17.47 2.62 -26.17
CA GLY A 287 -16.62 1.44 -26.11
C GLY A 287 -15.15 1.83 -26.16
N LEU A 288 -14.35 1.18 -25.31
CA LEU A 288 -12.92 1.43 -25.19
C LEU A 288 -12.18 1.12 -26.50
N VAL A 289 -11.27 2.00 -26.90
CA VAL A 289 -10.51 1.79 -28.14
C VAL A 289 -9.07 1.36 -27.87
N TRP A 290 -8.72 0.17 -28.35
CA TRP A 290 -7.35 -0.36 -28.22
C TRP A 290 -6.99 -1.36 -29.30
N ASP A 291 -5.69 -1.55 -29.50
CA ASP A 291 -5.17 -2.48 -30.49
C ASP A 291 -4.85 -3.83 -29.84
N GLU A 292 -5.64 -4.84 -30.18
CA GLU A 292 -5.53 -6.17 -29.61
C GLU A 292 -4.33 -6.99 -30.12
N ASN A 293 -3.74 -6.55 -31.23
CA ASN A 293 -2.64 -7.27 -31.87
C ASN A 293 -1.25 -6.73 -31.53
N SER A 294 -1.22 -5.62 -30.79
CA SER A 294 0.01 -5.10 -30.22
C SER A 294 0.42 -5.98 -29.05
N SER A 295 1.65 -5.81 -28.57
CA SER A 295 2.16 -6.68 -27.48
C SER A 295 1.32 -6.49 -26.21
N ASP A 296 1.03 -5.24 -25.88
CA ASP A 296 0.13 -4.90 -24.78
C ASP A 296 -1.21 -5.61 -24.94
N GLY A 297 -1.81 -5.52 -26.13
CA GLY A 297 -3.08 -6.17 -26.41
C GLY A 297 -3.04 -7.67 -26.19
N ARG A 298 -1.97 -8.30 -26.68
CA ARG A 298 -1.79 -9.74 -26.55
C ARG A 298 -1.51 -10.17 -25.10
N TYR A 299 -0.71 -9.39 -24.38
CA TYR A 299 -0.46 -9.63 -22.96
C TYR A 299 -1.75 -9.65 -22.15
N VAL A 300 -2.63 -8.69 -22.45
CA VAL A 300 -3.88 -8.53 -21.74
C VAL A 300 -4.81 -9.68 -22.12
N LYS A 301 -4.88 -9.97 -23.42
CA LYS A 301 -5.68 -11.11 -23.89
C LYS A 301 -5.23 -12.38 -23.17
N GLU A 302 -3.92 -12.64 -23.21
CA GLU A 302 -3.37 -13.83 -22.58
C GLU A 302 -3.57 -13.91 -21.05
N ASN A 303 -3.42 -12.77 -20.37
CA ASN A 303 -3.28 -12.78 -18.89
C ASN A 303 -4.47 -12.34 -18.03
N CYS A 304 -5.40 -11.56 -18.60
CA CYS A 304 -6.48 -10.97 -17.82
C CYS A 304 -7.84 -11.62 -18.04
N LYS A 305 -8.29 -12.31 -17.01
CA LYS A 305 -9.56 -13.03 -17.05
C LYS A 305 -10.52 -12.41 -16.04
N PRO A 306 -11.82 -12.76 -16.12
CA PRO A 306 -12.78 -12.27 -15.12
C PRO A 306 -12.30 -12.48 -13.69
N LEU A 307 -12.65 -11.58 -12.77
CA LEU A 307 -12.17 -11.64 -11.38
C LEU A 307 -12.38 -13.01 -10.71
N LYS A 308 -13.58 -13.58 -10.89
CA LYS A 308 -13.93 -14.83 -10.22
C LYS A 308 -13.07 -16.02 -10.66
N SER A 309 -12.61 -16.00 -11.89
CA SER A 309 -11.77 -17.09 -12.40
C SER A 309 -10.43 -17.21 -11.65
N TYR A 310 -10.16 -16.30 -10.72
CA TYR A 310 -8.90 -16.33 -9.99
C TYR A 310 -9.00 -17.06 -8.66
N MET A 311 -10.23 -17.38 -8.24
CA MET A 311 -10.47 -18.14 -7.01
C MET A 311 -9.67 -19.43 -7.02
N LEU A 312 -9.14 -19.80 -5.86
CA LEU A 312 -8.38 -21.03 -5.74
C LEU A 312 -9.23 -22.16 -5.16
N GLN A 313 -10.24 -21.78 -4.37
CA GLN A 313 -11.13 -22.74 -3.71
C GLN A 313 -12.57 -22.25 -3.81
N ASP A 314 -13.52 -23.19 -3.80
CA ASP A 314 -14.95 -22.87 -3.87
C ASP A 314 -15.57 -22.48 -2.53
N SER A 315 -14.89 -22.81 -1.43
CA SER A 315 -15.49 -22.72 -0.09
C SER A 315 -16.01 -21.33 0.25
N LEU A 316 -16.97 -21.30 1.16
CA LEU A 316 -17.63 -20.06 1.56
C LEU A 316 -16.68 -18.88 1.81
N GLU A 317 -15.64 -19.10 2.60
CA GLU A 317 -14.70 -18.04 2.96
C GLU A 317 -13.97 -17.45 1.72
N HIS A 318 -13.75 -18.29 0.70
CA HIS A 318 -13.22 -17.83 -0.59
C HIS A 318 -14.24 -17.06 -1.43
N VAL A 319 -15.48 -17.56 -1.47
CA VAL A 319 -16.58 -16.80 -2.10
C VAL A 319 -16.76 -15.44 -1.41
N GLN A 320 -16.63 -15.41 -0.09
CA GLN A 320 -16.79 -14.16 0.66
C GLN A 320 -15.69 -13.12 0.39
N LEU A 321 -14.44 -13.58 0.32
CA LEU A 321 -13.30 -12.70 -0.02
C LEU A 321 -13.50 -12.09 -1.40
N PHE A 322 -13.83 -12.93 -2.37
CA PHE A 322 -14.08 -12.46 -3.72
C PHE A 322 -15.27 -11.54 -3.84
N ASP A 323 -16.16 -11.59 -2.85
CA ASP A 323 -17.30 -10.69 -2.86
C ASP A 323 -16.90 -9.33 -2.32
N LEU A 324 -16.18 -9.33 -1.20
CA LEU A 324 -15.64 -8.10 -0.65
C LEU A 324 -14.74 -7.39 -1.69
N MET A 325 -13.86 -8.16 -2.32
CA MET A 325 -12.91 -7.67 -3.31
C MET A 325 -13.59 -6.95 -4.50
N ARG A 326 -14.63 -7.58 -5.07
CA ARG A 326 -15.43 -6.95 -6.13
C ARG A 326 -16.07 -5.65 -5.66
N ARG A 327 -16.51 -5.62 -4.40
CA ARG A 327 -17.09 -4.40 -3.83
C ARG A 327 -16.04 -3.31 -3.67
N MET A 328 -14.84 -3.72 -3.28
CA MET A 328 -13.71 -2.80 -3.18
C MET A 328 -13.29 -2.27 -4.54
N LEU A 329 -13.47 -3.11 -5.56
CA LEU A 329 -13.07 -2.76 -6.91
C LEU A 329 -14.21 -2.26 -7.82
N GLU A 330 -15.26 -1.69 -7.24
CA GLU A 330 -16.31 -1.04 -8.04
C GLU A 330 -15.78 0.19 -8.78
N PHE A 331 -16.11 0.28 -10.06
CA PHE A 331 -15.66 1.35 -10.93
C PHE A 331 -16.04 2.73 -10.38
N ASP A 332 -17.34 2.91 -10.14
CA ASP A 332 -17.88 4.16 -9.66
C ASP A 332 -17.50 4.37 -8.18
N PRO A 333 -16.70 5.41 -7.89
CA PRO A 333 -16.24 5.58 -6.50
C PRO A 333 -17.39 5.85 -5.54
N ALA A 334 -18.40 6.62 -5.97
CA ALA A 334 -19.61 6.80 -5.17
C ALA A 334 -20.29 5.47 -4.82
N GLN A 335 -20.28 4.53 -5.75
CA GLN A 335 -20.83 3.19 -5.54
C GLN A 335 -19.90 2.28 -4.71
N ARG A 336 -18.61 2.64 -4.64
CA ARG A 336 -17.59 1.81 -3.99
C ARG A 336 -17.83 1.64 -2.49
N ILE A 337 -17.73 0.40 -2.02
CA ILE A 337 -17.85 0.10 -0.59
C ILE A 337 -16.95 1.02 0.24
N THR A 338 -17.47 1.47 1.36
CA THR A 338 -16.69 2.24 2.31
C THR A 338 -15.99 1.26 3.28
N LEU A 339 -15.07 1.77 4.09
CA LEU A 339 -14.33 0.89 4.99
C LEU A 339 -15.15 0.49 6.21
N ALA A 340 -16.15 1.32 6.53
CA ALA A 340 -17.09 1.05 7.62
C ALA A 340 -18.04 -0.06 7.22
N GLU A 341 -18.43 -0.09 5.94
CA GLU A 341 -19.25 -1.16 5.38
C GLU A 341 -18.43 -2.42 5.18
N ALA A 342 -17.14 -2.22 4.90
CA ALA A 342 -16.21 -3.33 4.67
C ALA A 342 -16.00 -4.14 5.95
N LEU A 343 -15.87 -3.46 7.08
CA LEU A 343 -15.66 -4.12 8.37
C LEU A 343 -16.89 -4.92 8.84
N LEU A 344 -18.02 -4.74 8.16
CA LEU A 344 -19.25 -5.43 8.53
C LEU A 344 -19.51 -6.65 7.65
N HIS A 345 -18.69 -6.84 6.63
CA HIS A 345 -18.86 -7.91 5.67
C HIS A 345 -18.80 -9.29 6.33
N PRO A 346 -19.65 -10.23 5.88
CA PRO A 346 -19.58 -11.61 6.37
C PRO A 346 -18.24 -12.32 6.12
N PHE A 347 -17.24 -11.62 5.57
CA PHE A 347 -15.92 -12.21 5.35
C PHE A 347 -15.14 -12.30 6.65
N PHE A 348 -15.28 -11.29 7.50
CA PHE A 348 -14.55 -11.20 8.76
C PHE A 348 -15.19 -12.01 9.90
N ALA A 349 -16.24 -12.77 9.59
CA ALA A 349 -16.84 -13.69 10.56
C ALA A 349 -15.91 -14.88 10.77
N GLY A 350 -14.83 -14.93 10.00
CA GLY A 350 -13.88 -16.04 10.04
C GLY A 350 -12.68 -15.78 10.93
N LEU A 351 -12.64 -14.58 11.53
CA LEU A 351 -11.55 -14.19 12.40
C LEU A 351 -11.59 -14.90 13.76
N THR A 352 -10.44 -14.94 14.42
CA THR A 352 -10.34 -15.44 15.77
C THR A 352 -10.52 -14.24 16.69
N PRO A 353 -11.12 -14.43 17.89
CA PRO A 353 -11.33 -13.31 18.82
C PRO A 353 -10.07 -12.46 19.09
N GLU A 354 -8.89 -13.09 19.06
CA GLU A 354 -7.61 -12.39 19.21
C GLU A 354 -7.36 -11.46 18.02
N GLU A 355 -7.62 -11.98 16.81
CA GLU A 355 -7.58 -11.19 15.57
C GLU A 355 -8.62 -10.07 15.58
N ARG A 356 -9.87 -10.43 15.90
CA ARG A 356 -11.00 -9.48 15.87
C ARG A 356 -10.89 -8.32 16.88
N SER A 357 -10.41 -8.60 18.08
CA SER A 357 -10.35 -7.58 19.14
C SER A 357 -9.19 -6.59 18.99
N PHE A 358 -8.30 -6.85 18.02
CA PHE A 358 -7.09 -6.03 17.78
C PHE A 358 -5.96 -6.37 18.77
C1 3NG B . 9.73 2.11 6.48
C2 3NG B . 9.69 1.91 7.89
C3 3NG B . 9.00 2.89 8.65
C4 3NG B . 8.37 4.00 8.04
C5 3NG B . 8.42 4.15 6.64
C6 3NG B . 9.10 3.20 5.87
C7 3NG B . 11.01 -0.12 7.53
C8 3NG B . 10.36 0.77 8.42
N9 3NG B . 10.35 1.23 5.68
C10 3NG B . 10.99 0.13 6.14
C11 3NG B . 11.67 -1.50 9.44
N12 3NG B . 11.03 -0.65 10.27
C13 3NG B . 10.39 0.44 9.79
C14 3NG B . 11.66 -1.25 8.05
N15 3NG B . 11.61 -0.71 5.25
C16 3NG B . 11.79 -0.50 3.92
C17 3NG B . 12.13 0.76 3.40
C18 3NG B . 12.32 0.95 2.03
C19 3NG B . 12.17 -0.12 1.14
C20 3NG B . 11.84 -1.40 1.64
C21 3NG B . 11.65 -1.57 3.02
CL22 3NG B . 12.74 2.56 1.45
C23 3NG B . 7.71 5.32 5.98
O24 3NG B . 6.61 5.79 6.57
O25 3NG B . 8.09 5.77 4.90
#